data_2EEV
#
_entry.id   2EEV
#
_cell.length_a   130.420
_cell.length_b   35.040
_cell.length_c   42.000
_cell.angle_alpha   90.00
_cell.angle_beta   89.86
_cell.angle_gamma   90.00
#
_symmetry.space_group_name_H-M   'C 1 2 1'
#
loop_
_entity.id
_entity.type
_entity.pdbx_description
1 polymer 'guanine riboswitch'
2 non-polymer 'ACETATE ION'
3 non-polymer 'COBALT HEXAMMINE(III)'
4 non-polymer HYPOXANTHINE
5 water water
#
_entity_poly.entity_id   1
_entity_poly.type   'polyribonucleotide'
_entity_poly.pdbx_seq_one_letter_code
;GGACAUACAAUCGCGUGGAUAUGGCACGCAAGUUUCUGCCGGGCACCGUAAAUGUCCGACUAUGUCC
;
_entity_poly.pdbx_strand_id   A
#
loop_
_chem_comp.id
_chem_comp.type
_chem_comp.name
_chem_comp.formula
A RNA linking ADENOSINE-5'-MONOPHOSPHATE 'C10 H14 N5 O7 P'
ACT non-polymer 'ACETATE ION' 'C2 H3 O2 -1'
C RNA linking CYTIDINE-5'-MONOPHOSPHATE 'C9 H14 N3 O8 P'
G RNA linking GUANOSINE-5'-MONOPHOSPHATE 'C10 H14 N5 O8 P'
HPA non-polymer HYPOXANTHINE 'C5 H4 N4 O'
NCO non-polymer 'COBALT HEXAMMINE(III)' 'Co H18 N6 3'
U RNA linking URIDINE-5'-MONOPHOSPHATE 'C9 H13 N2 O9 P'
#
# COMPACT_ATOMS: atom_id res chain seq x y z
C ACT B . -4.85 -9.46 -4.47
O ACT B . -5.03 -10.01 -3.34
OXT ACT B . -4.20 -9.94 -5.53
CH3 ACT B . -5.44 -8.06 -4.65
CO NCO C . -4.49 -1.12 -10.94
N1 NCO C . -5.81 -2.49 -11.38
N2 NCO C . -3.18 0.25 -10.50
N3 NCO C . -5.92 0.26 -10.94
N4 NCO C . -3.07 -2.47 -10.93
N5 NCO C . -4.82 -1.43 -9.02
N6 NCO C . -4.18 -0.79 -12.87
CO NCO D . -2.42 -11.71 6.81
N1 NCO D . -4.23 -10.85 6.89
N2 NCO D . -0.66 -12.57 6.71
N3 NCO D . -1.58 -10.03 7.33
N4 NCO D . -3.28 -13.41 6.27
N5 NCO D . -2.58 -12.25 8.71
N6 NCO D . -2.29 -11.18 4.91
CO NCO E . -4.84 -3.42 3.43
N1 NCO E . -6.65 -2.85 3.84
N2 NCO E . -3.01 -4.00 3.02
N3 NCO E . -4.19 -2.61 5.09
N4 NCO E . -5.48 -4.26 1.77
N5 NCO E . -5.16 -5.14 4.41
N6 NCO E . -4.52 -1.73 2.46
CO NCO F . -1.10 -10.69 -10.94
N1 NCO F . -3.06 -10.58 -10.73
N2 NCO F . 0.85 -10.82 -11.16
N3 NCO F . -1.10 -8.97 -11.90
N4 NCO F . -1.11 -12.43 -10.00
N5 NCO F . -0.83 -9.73 -9.25
N6 NCO F . -1.37 -11.66 -12.64
CO NCO G . -12.24 -9.82 5.57
N1 NCO G . -13.62 -8.68 6.40
N2 NCO G . -10.85 -10.97 4.76
N3 NCO G . -11.38 -8.23 4.75
N4 NCO G . -13.10 -11.40 6.37
N5 NCO G . -11.10 -9.59 7.16
N6 NCO G . -13.36 -10.04 3.97
CO NCO H . -5.30 5.17 -7.37
N1 NCO H . -6.54 5.19 -5.83
N2 NCO H . -4.07 5.15 -8.93
N3 NCO H . -4.13 6.46 -6.45
N4 NCO H . -6.48 3.88 -8.31
N5 NCO H . -4.31 3.67 -6.55
N6 NCO H . -6.30 6.67 -8.21
CO NCO I . 8.45 -5.93 2.23
N1 NCO I . 7.64 -4.77 3.59
N2 NCO I . 9.28 -7.08 0.85
N3 NCO I . 6.76 -5.97 1.24
N4 NCO I . 10.15 -5.88 3.22
N5 NCO I . 9.00 -4.34 1.21
N6 NCO I . 7.91 -7.52 3.24
CO NCO J . 15.68 5.61 -3.79
N1 NCO J . 14.85 6.49 -2.25
N2 NCO J . 16.51 4.72 -5.33
N3 NCO J . 16.94 7.10 -3.98
N4 NCO J . 14.42 4.10 -3.60
N5 NCO J . 16.94 4.69 -2.58
N6 NCO J . 14.43 6.51 -4.99
CO NCO K . -4.06 10.11 5.79
N1 NCO K . -5.77 10.48 4.86
N2 NCO K . -2.36 9.76 6.72
N3 NCO K . -4.67 11.19 7.32
N4 NCO K . -3.47 9.04 4.26
N5 NCO K . -4.86 8.51 6.62
N6 NCO K . -3.28 11.72 4.97
CO NCO L . 5.68 20.20 -1.67
N1 NCO L . 6.56 20.29 -3.42
N2 NCO L . 4.79 20.12 0.08
N3 NCO L . 4.70 21.85 -2.08
N4 NCO L . 6.66 18.55 -1.26
N5 NCO L . 4.22 19.14 -2.46
N6 NCO L . 7.14 21.26 -0.88
CO NCO M . -4.53 -18.68 -9.86
N1 NCO M . -4.00 -17.04 -10.83
N2 NCO M . -5.06 -20.30 -8.89
N3 NCO M . -3.39 -18.13 -8.34
N4 NCO M . -5.67 -19.21 -11.38
N5 NCO M . -6.06 -17.70 -9.06
N6 NCO M . -3.01 -19.65 -10.65
CO NCO N . -1.39 12.03 15.11
N1 NCO N . -1.73 12.45 17.00
N2 NCO N . -1.05 11.58 13.22
N3 NCO N . 0.54 12.07 15.45
N4 NCO N . -3.32 11.97 14.76
N5 NCO N . -1.42 10.10 15.54
N6 NCO N . -1.36 13.94 14.67
N1 HPA O . 8.77 8.46 7.31
C2 HPA O . 9.87 7.76 6.91
N3 HPA O . 10.61 8.14 5.83
C4 HPA O . 10.14 9.27 5.24
C5 HPA O . 9.05 10.02 5.61
C6 HPA O . 8.27 9.63 6.70
O6 HPA O . 7.29 10.15 7.18
N7 HPA O . 8.93 11.07 4.75
C8 HPA O . 9.93 10.97 3.87
N9 HPA O . 10.71 9.86 4.14
#